data_9IOR
#
_entry.id   9IOR
#
loop_
_entity.id
_entity.type
_entity.pdbx_description
1 polymer "RNA (5'-R(*GP*GP*AP*UP*AP*CP*UP*UP*UP*CP*GP*AP*GP*UP*GP*AP*UP*CP*C)-3')"
2 non-polymer 1-cyclopropyl-N-[3-(dimethylamino)propyl]-7-(4-ethylpiperazin-1-yl)-6-fluoranyl-4-oxidanylidene-quinoline-3-carboxamide
#
_entity_poly.entity_id   1
_entity_poly.type   'polyribonucleotide'
_entity_poly.pdbx_seq_one_letter_code
;GGAUACUUUCGAGUGAUCC
;
_entity_poly.pdbx_strand_id   A
#